data_5W4J
#
_entry.id   5W4J
#
_cell.length_a   30.590
_cell.length_b   46.939
_cell.length_c   64.302
_cell.angle_alpha   90.00
_cell.angle_beta   90.00
_cell.angle_gamma   90.00
#
_symmetry.space_group_name_H-M   'P 2 21 2'
#
loop_
_entity.id
_entity.type
_entity.pdbx_description
1 polymer 'A-beta 17_36 peptide: ORN-LYS-VAL-PHE-MEA-ALA-ALA-ASP-ORN-ALA-ILE-ILE-GLY-LEU-MET-VAL'
2 water water
#
_entity_poly.entity_id   1
_entity_poly.type   'polypeptide(L)'
_entity_poly.pdbx_seq_one_letter_code
;(ORN)KVF(MEA)AAD(ORN)AIIGLMV
;
_entity_poly.pdbx_strand_id   A,B,C,D,E,F
#
# COMPACT_ATOMS: atom_id res chain seq x y z
N LYS A 2 -8.34 2.27 4.38
CA LYS A 2 -8.72 0.91 3.97
C LYS A 2 -8.73 0.84 2.45
N VAL A 3 -8.36 -0.30 1.90
CA VAL A 3 -8.45 -0.55 0.47
C VAL A 3 -9.56 -1.57 0.24
N PHE A 4 -10.58 -1.15 -0.50
CA PHE A 4 -11.66 -2.03 -0.88
C PHE A 4 -11.38 -2.57 -2.29
N ALA A 6 -12.43 -4.42 -6.08
CA ALA A 6 -13.49 -4.62 -7.05
C ALA A 6 -12.87 -5.13 -8.34
N ALA A 7 -13.70 -5.34 -9.35
CA ALA A 7 -13.21 -5.85 -10.62
C ALA A 7 -13.89 -5.13 -11.78
N ASP A 8 -13.11 -4.86 -12.82
CA ASP A 8 -13.65 -4.36 -14.09
C ASP A 8 -13.53 -5.47 -15.12
N ALA A 10 -10.05 -6.93 -14.70
CA ALA A 10 -8.96 -6.26 -14.00
C ALA A 10 -9.36 -5.98 -12.56
N ILE A 11 -8.46 -6.26 -11.64
CA ILE A 11 -8.71 -6.05 -10.22
C ILE A 11 -8.18 -4.67 -9.85
N ILE A 12 -9.00 -3.92 -9.11
CA ILE A 12 -8.65 -2.56 -8.73
C ILE A 12 -8.90 -2.39 -7.24
N GLY A 13 -8.16 -1.47 -6.62
CA GLY A 13 -8.32 -1.14 -5.22
C GLY A 13 -8.82 0.28 -5.07
N LEU A 14 -9.87 0.45 -4.27
CA LEU A 14 -10.42 1.76 -3.94
C LEU A 14 -9.98 2.11 -2.52
N MET A 15 -9.03 3.03 -2.41
CA MET A 15 -8.43 3.40 -1.14
C MET A 15 -9.15 4.58 -0.53
N VAL A 16 -9.65 4.41 0.68
CA VAL A 16 -10.38 5.41 1.46
C VAL A 16 -9.74 5.48 2.84
N LYS B 2 3.28 4.93 -6.88
CA LYS B 2 3.47 3.59 -7.39
C LYS B 2 3.57 2.65 -6.19
N VAL B 3 3.01 1.46 -6.33
CA VAL B 3 3.03 0.44 -5.29
C VAL B 3 4.00 -0.64 -5.74
N PHE B 4 5.02 -0.87 -4.93
CA PHE B 4 5.97 -1.94 -5.19
C PHE B 4 5.63 -3.12 -4.28
N ALA B 6 6.34 -6.62 -2.10
CA ALA B 6 7.34 -7.44 -1.41
C ALA B 6 6.60 -8.53 -0.62
N ALA B 7 7.35 -9.41 0.04
CA ALA B 7 6.74 -10.48 0.81
C ALA B 7 7.44 -10.62 2.15
N ASP B 8 6.65 -10.63 3.22
CA ASP B 8 7.15 -10.95 4.55
C ASP B 8 6.88 -12.43 4.80
N ALA B 10 3.32 -13.10 3.79
CA ALA B 10 2.28 -12.10 3.62
C ALA B 10 2.73 -11.11 2.55
N ILE B 11 1.85 -10.83 1.59
CA ILE B 11 2.16 -9.88 0.54
C ILE B 11 1.89 -8.47 1.06
N ILE B 12 2.85 -7.57 0.83
CA ILE B 12 2.76 -6.20 1.31
C ILE B 12 3.00 -5.26 0.13
N GLY B 13 2.29 -4.14 0.13
CA GLY B 13 2.50 -3.10 -0.86
C GLY B 13 3.31 -1.97 -0.25
N LEU B 14 4.35 -1.57 -0.96
CA LEU B 14 5.16 -0.41 -0.58
C LEU B 14 4.77 0.73 -1.51
N MET B 15 3.95 1.65 -0.99
CA MET B 15 3.42 2.73 -1.79
C MET B 15 4.32 3.95 -1.71
N VAL B 16 4.86 4.36 -2.84
CA VAL B 16 5.73 5.52 -2.96
C VAL B 16 5.11 6.46 -3.99
N LYS C 2 -5.42 -2.82 4.77
CA LYS C 2 -5.26 -1.53 5.44
C LYS C 2 -3.94 -0.89 4.99
N VAL C 3 -3.97 0.43 4.89
CA VAL C 3 -2.78 1.22 4.53
C VAL C 3 -2.33 1.97 5.76
N PHE C 4 -1.08 1.76 6.15
CA PHE C 4 -0.47 2.53 7.23
C PHE C 4 0.45 3.61 6.64
N ALA C 6 3.52 6.35 6.40
CA ALA C 6 4.78 6.84 6.94
C ALA C 6 4.87 8.34 6.71
N ALA C 7 4.14 8.83 5.69
CA ALA C 7 4.06 10.25 5.40
C ALA C 7 2.79 10.50 4.58
N ASP C 8 2.24 11.70 4.69
CA ASP C 8 0.99 12.04 4.02
C ASP C 8 0.91 13.52 3.66
N ALA C 10 3.75 14.04 0.13
CA ALA C 10 4.67 12.93 -0.02
C ALA C 10 4.04 11.71 0.64
N ILE C 11 3.12 11.07 -0.08
CA ILE C 11 2.31 9.97 0.48
C ILE C 11 3.15 8.70 0.43
N ILE C 12 3.68 8.29 1.57
CA ILE C 12 4.42 7.04 1.71
C ILE C 12 3.59 6.12 2.59
N GLY C 13 3.36 4.89 2.11
CA GLY C 13 2.45 4.01 2.82
C GLY C 13 2.83 2.54 2.70
N LEU C 14 2.35 1.77 3.67
CA LEU C 14 2.49 0.33 3.70
C LEU C 14 1.10 -0.28 3.58
N MET C 15 0.90 -1.11 2.56
CA MET C 15 -0.38 -1.76 2.37
C MET C 15 -0.32 -3.23 2.74
N VAL C 16 -1.18 -3.64 3.66
CA VAL C 16 -1.29 -5.02 4.12
C VAL C 16 -2.72 -5.51 3.96
N LYS D 2 -19.49 3.30 -16.71
CA LYS D 2 -19.73 2.14 -15.86
C LYS D 2 -19.37 2.52 -14.43
N VAL D 3 -20.04 1.90 -13.47
CA VAL D 3 -19.70 2.05 -12.06
C VAL D 3 -19.43 0.65 -11.52
N PHE D 4 -18.21 0.44 -11.03
CA PHE D 4 -17.86 -0.83 -10.43
C PHE D 4 -17.92 -0.68 -8.91
N ALA D 6 -16.93 -1.77 -5.12
CA ALA D 6 -16.10 -2.52 -4.19
C ALA D 6 -16.91 -2.86 -2.94
N ALA D 7 -17.95 -2.08 -2.70
CA ALA D 7 -18.89 -2.33 -1.60
C ALA D 7 -20.24 -1.75 -1.98
N ASP D 8 -21.27 -2.58 -1.91
CA ASP D 8 -22.65 -2.13 -2.13
C ASP D 8 -23.40 -2.12 -0.80
N ALA D 10 -21.85 1.84 3.13
CA ALA D 10 -21.15 3.01 2.69
C ALA D 10 -20.71 2.59 1.30
N ILE D 11 -21.55 2.89 0.31
CA ILE D 11 -21.31 2.38 -1.05
C ILE D 11 -20.02 2.97 -1.59
N ILE D 12 -19.11 2.11 -2.03
CA ILE D 12 -17.84 2.53 -2.56
C ILE D 12 -17.68 1.94 -3.95
N GLY D 13 -17.34 2.79 -4.92
CA GLY D 13 -17.22 2.32 -6.29
C GLY D 13 -16.38 3.25 -7.15
N LEU D 14 -16.07 2.76 -8.34
CA LEU D 14 -15.29 3.49 -9.33
C LEU D 14 -16.16 3.76 -10.54
N MET D 15 -16.25 5.02 -10.93
CA MET D 15 -16.96 5.39 -12.15
C MET D 15 -15.97 5.70 -13.26
N VAL D 16 -16.17 5.04 -14.39
CA VAL D 16 -15.36 5.21 -15.59
C VAL D 16 -16.31 5.42 -16.75
N LYS E 2 14.54 -7.04 10.27
CA LYS E 2 14.60 -7.63 8.95
C LYS E 2 14.18 -6.61 7.90
N VAL E 3 14.81 -6.66 6.73
CA VAL E 3 14.45 -5.80 5.61
C VAL E 3 13.92 -6.69 4.49
N PHE E 4 12.69 -6.42 4.07
CA PHE E 4 12.11 -7.15 2.96
C PHE E 4 12.17 -6.26 1.71
N ALA E 6 11.31 -4.85 -2.04
CA ALA E 6 10.44 -4.81 -3.21
C ALA E 6 11.31 -4.58 -4.44
N ALA E 7 12.43 -3.91 -4.23
CA ALA E 7 13.45 -3.75 -5.27
C ALA E 7 14.80 -3.75 -4.57
N ASP E 8 15.76 -4.49 -5.13
CA ASP E 8 17.10 -4.58 -4.55
C ASP E 8 18.19 -4.34 -5.57
N ALA E 10 17.56 0.42 -8.10
CA ALA E 10 16.58 1.07 -7.25
C ALA E 10 16.31 0.20 -6.04
N ILE E 11 16.61 0.72 -4.85
CA ILE E 11 16.40 0.00 -3.60
C ILE E 11 15.09 0.46 -2.99
N ILE E 12 14.20 -0.49 -2.70
CA ILE E 12 12.94 -0.19 -2.03
C ILE E 12 12.63 -1.37 -1.13
N GLY E 13 12.50 -1.11 0.17
CA GLY E 13 12.30 -2.18 1.12
C GLY E 13 11.51 -1.71 2.31
N LEU E 14 11.06 -2.69 3.09
CA LEU E 14 10.33 -2.43 4.32
C LEU E 14 11.14 -3.02 5.46
N MET E 15 11.46 -2.18 6.44
CA MET E 15 12.20 -2.62 7.61
C MET E 15 11.26 -2.82 8.79
N VAL E 16 11.35 -3.96 9.44
CA VAL E 16 10.62 -4.46 10.61
C VAL E 16 11.60 -5.06 11.61
N LYS F 2 16.29 7.17 1.81
CA LYS F 2 15.62 7.74 2.96
C LYS F 2 14.66 6.71 3.52
N VAL F 3 14.59 6.61 4.84
CA VAL F 3 13.70 5.67 5.51
C VAL F 3 12.60 6.47 6.20
N PHE F 4 11.37 6.24 5.77
CA PHE F 4 10.21 6.89 6.39
C PHE F 4 9.63 5.96 7.46
N ALA F 6 6.75 4.28 10.08
CA ALA F 6 5.36 4.02 10.46
C ALA F 6 5.29 3.90 11.99
N ALA F 7 4.09 3.70 12.53
CA ALA F 7 3.83 3.93 13.95
C ALA F 7 3.06 2.77 14.59
N ASP F 8 3.48 1.54 14.34
CA ASP F 8 2.79 0.39 14.91
C ASP F 8 3.36 -0.10 16.24
N ALA F 10 7.43 -2.19 17.40
CA ALA F 10 8.49 -2.71 16.56
C ALA F 10 8.79 -1.65 15.51
N ILE F 11 10.07 -1.27 15.38
CA ILE F 11 10.44 -0.26 14.40
C ILE F 11 9.92 -0.68 13.03
N ILE F 12 9.28 0.26 12.33
CA ILE F 12 8.78 -0.03 10.98
C ILE F 12 9.13 1.16 10.10
N GLY F 13 10.04 0.97 9.17
CA GLY F 13 10.44 2.03 8.26
C GLY F 13 10.33 1.57 6.82
N LEU F 14 9.93 2.49 5.96
CA LEU F 14 9.83 2.24 4.54
C LEU F 14 11.00 2.95 3.87
N MET F 15 11.92 2.15 3.33
CA MET F 15 13.16 2.66 2.78
C MET F 15 13.01 2.93 1.28
N VAL F 16 13.29 4.15 0.87
CA VAL F 16 13.22 4.56 -0.52
C VAL F 16 14.58 5.15 -0.93
#